data_6OAV
#
_entry.id   6OAV
#
_cell.length_a   44.123
_cell.length_b   57.356
_cell.length_c   60.744
_cell.angle_alpha   90.00
_cell.angle_beta   110.45
_cell.angle_gamma   90.00
#
_symmetry.space_group_name_H-M   'P 1 21 1'
#
loop_
_entity.id
_entity.type
_entity.pdbx_description
1 polymer 'Tyrosine-protein kinase JAK2'
2 non-polymer 5-amino-3-[(4-cyanophenyl)amino]-N-phenyl-1H-1,2,4-triazole-1-carboxamide
3 water water
#
_entity_poly.entity_id   1
_entity_poly.type   'polypeptide(L)'
_entity_poly.pdbx_seq_one_letter_code
;VFHKIRNEDLIFNESLGQGTFTKIFKGVRREVGDYGQLHETEVLLKVLDKAHRNYSESFFEAASMMSKLSHKHLVLNYGV
CVCGDENILVQEFVKFGSLDTYLKKNKNCINILWKLEVAKQLAAAMHFLEENTLIHGNVCAKNILLIREEDRKTGNPPFI
KLSDPGISITVLPKDILQERIPWVPPECIENPKNLNLATDKWSFGTTLWEICSGGDKPLSALDSQRKLQFYEDRHQLPAP
KAAELANLINNCMDYEPDHRPSFRAIIRDLNSLFTPDLVPRGSHHHHHH
;
_entity_poly.pdbx_strand_id   A
#
# COMPACT_ATOMS: atom_id res chain seq x y z
N PHE A 2 -17.43 -11.27 1.71
CA PHE A 2 -16.21 -12.06 1.68
C PHE A 2 -16.52 -13.55 1.80
N HIS A 3 -15.91 -14.34 0.92
CA HIS A 3 -16.00 -15.79 1.01
C HIS A 3 -15.37 -16.27 2.32
N LYS A 4 -16.05 -17.18 3.01
CA LYS A 4 -15.57 -17.67 4.29
C LYS A 4 -14.76 -18.96 4.06
N ILE A 5 -13.53 -18.97 4.56
CA ILE A 5 -12.62 -20.10 4.42
C ILE A 5 -12.47 -20.78 5.78
N ARG A 6 -12.53 -22.12 5.77
CA ARG A 6 -12.46 -22.91 7.00
C ARG A 6 -11.03 -22.97 7.52
N ASN A 7 -10.92 -22.87 8.85
CA ASN A 7 -9.59 -22.91 9.46
C ASN A 7 -8.84 -24.18 9.09
N GLU A 8 -9.56 -25.29 8.96
CA GLU A 8 -8.94 -26.56 8.61
C GLU A 8 -8.36 -26.56 7.21
N ASP A 9 -8.77 -25.63 6.36
CA ASP A 9 -8.25 -25.58 5.00
C ASP A 9 -7.00 -24.70 4.88
N LEU A 10 -6.54 -24.11 5.98
CA LEU A 10 -5.40 -23.21 5.99
C LEU A 10 -4.26 -23.81 6.79
N ILE A 11 -3.05 -23.78 6.25
CA ILE A 11 -1.83 -24.14 6.97
C ILE A 11 -1.01 -22.88 7.13
N PHE A 12 -0.66 -22.53 8.37
CA PHE A 12 0.22 -21.39 8.63
C PHE A 12 1.67 -21.82 8.55
N ASN A 13 2.45 -21.14 7.71
CA ASN A 13 3.88 -21.36 7.72
C ASN A 13 4.60 -20.09 8.18
N GLU A 14 5.71 -19.71 7.55
CA GLU A 14 6.65 -18.79 8.21
C GLU A 14 6.08 -17.38 8.34
N SER A 15 6.51 -16.72 9.41
CA SER A 15 6.16 -15.32 9.57
C SER A 15 6.82 -14.50 8.47
N LEU A 16 6.09 -13.51 7.97
CA LEU A 16 6.63 -12.58 6.98
C LEU A 16 6.68 -11.16 7.53
N GLY A 17 6.46 -10.98 8.82
CA GLY A 17 6.58 -9.67 9.42
C GLY A 17 5.28 -9.27 10.06
N GLN A 18 5.09 -7.97 10.28
CA GLN A 18 3.91 -7.48 10.95
C GLN A 18 3.52 -6.12 10.37
N GLY A 19 2.24 -5.81 10.47
CA GLY A 19 1.74 -4.50 10.14
C GLY A 19 1.09 -3.88 11.36
N THR A 20 0.21 -2.91 11.15
CA THR A 20 -0.39 -2.21 12.28
C THR A 20 -1.43 -3.11 12.91
N PHE A 21 -1.12 -3.64 14.09
CA PHE A 21 -1.99 -4.54 14.85
C PHE A 21 -2.23 -5.85 14.12
N THR A 22 -1.33 -6.22 13.21
CA THR A 22 -1.45 -7.44 12.44
C THR A 22 -0.10 -8.15 12.38
N LYS A 23 -0.17 -9.46 12.18
CA LYS A 23 0.99 -10.29 11.90
C LYS A 23 0.73 -11.02 10.58
N ILE A 24 1.78 -11.16 9.79
CA ILE A 24 1.69 -11.65 8.42
C ILE A 24 2.43 -12.97 8.33
N PHE A 25 1.84 -13.95 7.63
CA PHE A 25 2.38 -15.29 7.48
C PHE A 25 2.21 -15.78 6.05
N LYS A 26 3.21 -16.48 5.55
CA LYS A 26 2.99 -17.32 4.39
C LYS A 26 2.17 -18.54 4.81
N GLY A 27 1.25 -18.96 3.95
CA GLY A 27 0.39 -20.08 4.29
C GLY A 27 0.04 -20.89 3.06
N VAL A 28 -0.76 -21.94 3.27
CA VAL A 28 -1.27 -22.79 2.18
C VAL A 28 -2.75 -23.00 2.42
N ARG A 29 -3.54 -22.84 1.37
CA ARG A 29 -4.97 -23.10 1.41
C ARG A 29 -5.28 -24.32 0.55
N ARG A 30 -5.89 -25.34 1.15
CA ARG A 30 -6.41 -26.47 0.40
C ARG A 30 -7.77 -26.09 -0.15
N GLU A 31 -7.97 -26.24 -1.46
CA GLU A 31 -9.23 -25.80 -2.03
C GLU A 31 -9.57 -26.62 -3.25
N VAL A 32 -10.85 -26.68 -3.54
CA VAL A 32 -11.33 -27.22 -4.82
C VAL A 32 -11.43 -26.07 -5.80
N GLY A 33 -10.68 -26.15 -6.89
CA GLY A 33 -10.62 -25.10 -7.88
C GLY A 33 -11.47 -25.40 -9.10
N ASP A 34 -11.06 -24.83 -10.23
CA ASP A 34 -11.79 -25.00 -11.47
C ASP A 34 -11.79 -26.47 -11.88
N TYR A 35 -12.89 -26.88 -12.49
CA TYR A 35 -13.11 -28.25 -12.97
C TYR A 35 -13.11 -29.26 -11.84
N GLY A 36 -13.23 -28.81 -10.59
CA GLY A 36 -13.19 -29.74 -9.47
C GLY A 36 -11.81 -30.23 -9.10
N GLN A 37 -10.75 -29.65 -9.67
CA GLN A 37 -9.40 -30.07 -9.32
C GLN A 37 -9.04 -29.54 -7.93
N LEU A 38 -8.46 -30.42 -7.11
CA LEU A 38 -7.95 -30.03 -5.80
C LEU A 38 -6.61 -29.32 -5.94
N HIS A 39 -6.44 -28.22 -5.18
CA HIS A 39 -5.23 -27.43 -5.22
C HIS A 39 -4.74 -27.16 -3.80
N GLU A 40 -3.43 -27.01 -3.67
CA GLU A 40 -2.77 -26.50 -2.47
C GLU A 40 -2.13 -25.17 -2.89
N THR A 41 -2.78 -24.06 -2.55
CA THR A 41 -2.45 -22.75 -3.08
C THR A 41 -1.66 -21.94 -2.05
N GLU A 42 -0.53 -21.37 -2.48
CA GLU A 42 0.17 -20.43 -1.62
C GLU A 42 -0.70 -19.21 -1.36
N VAL A 43 -0.77 -18.79 -0.10
CA VAL A 43 -1.58 -17.64 0.29
C VAL A 43 -0.79 -16.78 1.27
N LEU A 44 -1.21 -15.53 1.36
CA LEU A 44 -0.71 -14.58 2.35
C LEU A 44 -1.80 -14.43 3.40
N LEU A 45 -1.47 -14.73 4.64
CA LEU A 45 -2.44 -14.70 5.73
C LEU A 45 -2.15 -13.50 6.60
N LYS A 46 -3.14 -12.60 6.73
CA LYS A 46 -3.00 -11.41 7.57
C LYS A 46 -3.87 -11.61 8.79
N VAL A 47 -3.26 -11.64 9.96
CA VAL A 47 -3.93 -12.01 11.20
C VAL A 47 -4.02 -10.78 12.09
N LEU A 48 -5.23 -10.37 12.43
CA LEU A 48 -5.40 -9.29 13.39
C LEU A 48 -5.03 -9.77 14.79
N ASP A 49 -4.18 -9.00 15.48
CA ASP A 49 -3.80 -9.35 16.85
C ASP A 49 -5.04 -9.60 17.70
N LYS A 50 -5.00 -10.70 18.47
CA LYS A 50 -6.13 -11.02 19.35
C LYS A 50 -6.40 -9.90 20.34
N ALA A 51 -5.33 -9.26 20.85
CA ALA A 51 -5.50 -8.14 21.77
C ALA A 51 -6.18 -6.94 21.14
N HIS A 52 -6.28 -6.90 19.80
CA HIS A 52 -6.89 -5.78 19.10
C HIS A 52 -8.10 -6.21 18.30
N ARG A 53 -8.78 -7.27 18.76
CA ARG A 53 -9.97 -7.79 18.10
C ARG A 53 -11.04 -6.72 17.90
N ASN A 54 -10.98 -5.63 18.66
CA ASN A 54 -11.92 -4.53 18.50
C ASN A 54 -11.74 -3.78 17.19
N TYR A 55 -10.59 -3.93 16.53
CA TYR A 55 -10.39 -3.30 15.22
C TYR A 55 -10.82 -4.20 14.07
N SER A 56 -11.55 -5.28 14.35
CA SER A 56 -11.84 -6.26 13.32
C SER A 56 -12.69 -5.67 12.20
N GLU A 57 -13.73 -4.91 12.56
CA GLU A 57 -14.59 -4.33 11.53
C GLU A 57 -13.80 -3.44 10.59
N SER A 58 -12.89 -2.62 11.14
CA SER A 58 -12.08 -1.75 10.29
C SER A 58 -11.00 -2.53 9.57
N PHE A 59 -10.49 -3.59 10.20
CA PHE A 59 -9.55 -4.49 9.54
C PHE A 59 -10.15 -5.08 8.25
N PHE A 60 -11.41 -5.51 8.31
CA PHE A 60 -12.07 -6.17 7.19
C PHE A 60 -12.79 -5.22 6.23
N GLU A 61 -13.30 -4.09 6.72
CA GLU A 61 -13.84 -3.08 5.82
C GLU A 61 -12.77 -2.54 4.90
N ALA A 62 -11.50 -2.58 5.33
CA ALA A 62 -10.40 -2.21 4.47
C ALA A 62 -10.35 -3.10 3.23
N ALA A 63 -10.17 -4.41 3.46
CA ALA A 63 -10.06 -5.35 2.36
C ALA A 63 -11.33 -5.39 1.53
N SER A 64 -12.50 -5.32 2.17
CA SER A 64 -13.75 -5.54 1.47
C SER A 64 -13.97 -4.50 0.38
N MET A 65 -13.64 -3.24 0.69
CA MET A 65 -13.71 -2.18 -0.31
C MET A 65 -12.84 -2.50 -1.52
N MET A 66 -11.57 -2.81 -1.28
CA MET A 66 -10.69 -3.28 -2.35
C MET A 66 -11.35 -4.35 -3.20
N SER A 67 -12.05 -5.28 -2.58
CA SER A 67 -12.47 -6.51 -3.25
C SER A 67 -13.84 -6.43 -3.91
N LYS A 68 -14.60 -5.36 -3.69
CA LYS A 68 -15.82 -5.17 -4.45
C LYS A 68 -15.53 -4.70 -5.87
N LEU A 69 -14.32 -4.20 -6.13
CA LEU A 69 -13.85 -3.85 -7.45
C LEU A 69 -12.74 -4.80 -7.88
N SER A 70 -12.67 -5.05 -9.18
CA SER A 70 -11.67 -5.95 -9.74
C SER A 70 -10.77 -5.16 -10.68
N HIS A 71 -9.46 -5.28 -10.50
CA HIS A 71 -8.54 -4.54 -11.35
C HIS A 71 -7.19 -5.23 -11.34
N LYS A 72 -6.51 -5.21 -12.48
CA LYS A 72 -5.22 -5.90 -12.60
C LYS A 72 -4.17 -5.38 -11.63
N HIS A 73 -4.31 -4.15 -11.13
CA HIS A 73 -3.32 -3.59 -10.23
C HIS A 73 -3.77 -3.57 -8.78
N LEU A 74 -4.85 -4.26 -8.43
CA LEU A 74 -5.31 -4.38 -7.05
C LEU A 74 -5.20 -5.83 -6.58
N VAL A 75 -4.62 -6.02 -5.40
CA VAL A 75 -4.37 -7.35 -4.87
C VAL A 75 -5.68 -8.13 -4.76
N LEU A 76 -5.59 -9.44 -4.97
CA LEU A 76 -6.75 -10.31 -4.85
C LEU A 76 -6.87 -10.82 -3.42
N ASN A 77 -8.06 -10.68 -2.84
CA ASN A 77 -8.42 -11.31 -1.58
C ASN A 77 -9.22 -12.57 -1.89
N TYR A 78 -8.79 -13.69 -1.32
CA TYR A 78 -9.50 -14.95 -1.49
C TYR A 78 -10.70 -15.06 -0.56
N GLY A 79 -10.63 -14.45 0.61
CA GLY A 79 -11.71 -14.55 1.57
C GLY A 79 -11.16 -14.29 2.96
N VAL A 80 -11.94 -14.72 3.96
CA VAL A 80 -11.57 -14.52 5.35
C VAL A 80 -11.78 -15.82 6.11
N CYS A 81 -11.01 -15.98 7.17
CA CYS A 81 -11.23 -17.06 8.13
C CYS A 81 -11.52 -16.39 9.47
N VAL A 82 -12.75 -16.55 9.96
CA VAL A 82 -13.16 -16.06 11.25
C VAL A 82 -13.60 -17.19 12.17
N CYS A 83 -13.10 -18.41 11.91
CA CYS A 83 -13.30 -19.52 12.83
C CYS A 83 -12.72 -19.15 14.19
N GLY A 84 -13.43 -19.53 15.25
CA GLY A 84 -12.87 -19.35 16.58
C GLY A 84 -12.55 -17.90 16.89
N ASP A 85 -11.40 -17.68 17.51
CA ASP A 85 -11.03 -16.36 18.01
C ASP A 85 -10.17 -15.55 17.05
N GLU A 86 -9.89 -16.07 15.86
CA GLU A 86 -8.99 -15.38 14.95
C GLU A 86 -9.77 -14.56 13.92
N ASN A 87 -9.14 -13.49 13.46
CA ASN A 87 -9.63 -12.70 12.33
C ASN A 87 -8.53 -12.70 11.29
N ILE A 88 -8.73 -13.43 10.19
CA ILE A 88 -7.67 -13.68 9.21
C ILE A 88 -8.15 -13.25 7.84
N LEU A 89 -7.33 -12.47 7.15
CA LEU A 89 -7.58 -12.13 5.76
C LEU A 89 -6.71 -13.03 4.89
N VAL A 90 -7.32 -13.69 3.91
CA VAL A 90 -6.63 -14.64 3.05
C VAL A 90 -6.46 -13.99 1.68
N GLN A 91 -5.21 -13.82 1.29
CA GLN A 91 -4.82 -12.98 0.17
C GLN A 91 -3.89 -13.77 -0.74
N GLU A 92 -3.91 -13.43 -2.03
CA GLU A 92 -2.95 -14.00 -2.97
C GLU A 92 -1.53 -13.77 -2.46
N PHE A 93 -0.67 -14.75 -2.68
CA PHE A 93 0.72 -14.63 -2.28
C PHE A 93 1.53 -14.07 -3.44
N VAL A 94 2.16 -12.93 -3.23
CA VAL A 94 2.94 -12.27 -4.27
C VAL A 94 4.40 -12.65 -4.08
N LYS A 95 4.98 -13.24 -5.13
CA LYS A 95 6.31 -13.83 -5.04
C LYS A 95 7.35 -12.89 -4.43
N PHE A 96 7.39 -11.64 -4.87
CA PHE A 96 8.53 -10.80 -4.51
C PHE A 96 8.23 -9.81 -3.39
N GLY A 97 7.10 -9.97 -2.71
CA GLY A 97 6.76 -9.15 -1.55
C GLY A 97 6.59 -7.65 -1.81
N SER A 98 6.80 -6.91 -0.73
CA SER A 98 6.54 -5.48 -0.68
C SER A 98 7.61 -4.70 -1.39
N LEU A 99 7.21 -3.54 -1.92
CA LEU A 99 8.16 -2.71 -2.65
C LEU A 99 9.19 -2.06 -1.74
N ASP A 100 8.82 -1.72 -0.50
CA ASP A 100 9.77 -1.01 0.36
C ASP A 100 11.05 -1.81 0.55
N THR A 101 10.93 -3.13 0.74
CA THR A 101 12.14 -3.91 0.94
C THR A 101 12.79 -4.28 -0.40
N TYR A 102 12.00 -4.44 -1.46
CA TYR A 102 12.57 -4.71 -2.76
C TYR A 102 13.46 -3.56 -3.22
N LEU A 103 13.00 -2.32 -2.98
CA LEU A 103 13.77 -1.15 -3.37
C LEU A 103 15.11 -1.10 -2.64
N LYS A 104 15.13 -1.49 -1.37
CA LYS A 104 16.37 -1.46 -0.60
C LYS A 104 17.34 -2.53 -1.10
N LYS A 105 16.87 -3.78 -1.19
CA LYS A 105 17.72 -4.91 -1.60
C LYS A 105 18.16 -4.80 -3.05
N ASN A 106 17.69 -3.81 -3.81
CA ASN A 106 17.99 -3.74 -5.24
C ASN A 106 18.30 -2.31 -5.67
N LYS A 107 18.83 -1.47 -4.77
CA LYS A 107 19.22 -0.11 -5.09
C LYS A 107 20.07 -0.05 -6.36
N ASN A 108 21.27 -0.63 -6.31
CA ASN A 108 22.19 -0.59 -7.43
C ASN A 108 21.75 -1.53 -8.55
N CYS A 109 20.49 -1.41 -8.98
CA CYS A 109 19.96 -2.25 -10.06
C CYS A 109 18.62 -1.72 -10.56
N ILE A 110 18.08 -0.70 -9.90
CA ILE A 110 16.80 -0.10 -10.25
C ILE A 110 17.08 1.28 -10.83
N ASN A 111 16.70 1.48 -12.10
CA ASN A 111 16.98 2.71 -12.83
C ASN A 111 15.71 3.54 -12.97
N ILE A 112 15.86 4.68 -13.67
CA ILE A 112 14.77 5.64 -13.76
C ILE A 112 13.60 5.06 -14.53
N LEU A 113 13.87 4.24 -15.54
CA LEU A 113 12.78 3.64 -16.32
C LEU A 113 12.00 2.62 -15.52
N TRP A 114 12.67 1.90 -14.62
CA TRP A 114 11.96 1.02 -13.69
C TRP A 114 11.04 1.83 -12.79
N LYS A 115 11.58 2.88 -12.16
CA LYS A 115 10.78 3.71 -11.26
C LYS A 115 9.61 4.36 -12.00
N LEU A 116 9.84 4.81 -13.23
CA LEU A 116 8.77 5.44 -14.00
C LEU A 116 7.64 4.45 -14.30
N GLU A 117 7.99 3.22 -14.67
CA GLU A 117 6.95 2.25 -15.01
C GLU A 117 6.16 1.82 -13.78
N VAL A 118 6.85 1.67 -12.65
CA VAL A 118 6.14 1.37 -11.40
C VAL A 118 5.28 2.54 -10.99
N ALA A 119 5.78 3.79 -11.16
CA ALA A 119 5.00 4.96 -10.83
C ALA A 119 3.76 5.06 -11.72
N LYS A 120 3.89 4.75 -13.00
CA LYS A 120 2.74 4.77 -13.90
C LYS A 120 1.69 3.74 -13.50
N GLN A 121 2.13 2.55 -13.12
CA GLN A 121 1.20 1.51 -12.73
C GLN A 121 0.46 1.88 -11.44
N LEU A 122 1.19 2.44 -10.47
CA LEU A 122 0.52 2.91 -9.25
C LEU A 122 -0.47 4.01 -9.58
N ALA A 123 -0.08 4.96 -10.45
CA ALA A 123 -1.01 6.00 -10.85
C ALA A 123 -2.24 5.41 -11.52
N ALA A 124 -2.05 4.36 -12.31
CA ALA A 124 -3.19 3.74 -12.97
C ALA A 124 -4.13 3.13 -11.94
N ALA A 125 -3.60 2.48 -10.93
CA ALA A 125 -4.46 1.89 -9.90
C ALA A 125 -5.19 2.98 -9.12
N MET A 126 -4.49 4.07 -8.78
CA MET A 126 -5.13 5.18 -8.06
C MET A 126 -6.12 5.93 -8.94
N HIS A 127 -5.83 6.07 -10.23
CA HIS A 127 -6.83 6.62 -11.14
C HIS A 127 -8.10 5.77 -11.13
N PHE A 128 -7.94 4.45 -11.19
CA PHE A 128 -9.11 3.56 -11.15
C PHE A 128 -9.91 3.76 -9.87
N LEU A 129 -9.21 3.87 -8.74
CA LEU A 129 -9.89 4.17 -7.48
C LEU A 129 -10.57 5.53 -7.50
N GLU A 130 -9.88 6.55 -8.03
CA GLU A 130 -10.46 7.89 -8.04
C GLU A 130 -11.71 7.94 -8.91
N GLU A 131 -11.67 7.32 -10.09
CA GLU A 131 -12.86 7.22 -10.93
C GLU A 131 -14.01 6.53 -10.21
N ASN A 132 -13.71 5.54 -9.37
CA ASN A 132 -14.73 4.87 -8.58
C ASN A 132 -14.97 5.55 -7.23
N THR A 133 -14.42 6.75 -7.02
CA THR A 133 -14.56 7.49 -5.77
C THR A 133 -14.34 6.59 -4.55
N LEU A 134 -13.33 5.75 -4.62
CA LEU A 134 -12.97 4.85 -3.52
C LEU A 134 -11.66 5.30 -2.91
N ILE A 135 -11.67 5.60 -1.61
CA ILE A 135 -10.49 6.05 -0.89
C ILE A 135 -9.68 4.83 -0.49
N HIS A 136 -8.37 4.87 -0.74
CA HIS A 136 -7.50 3.80 -0.22
C HIS A 136 -7.14 4.07 1.23
N GLY A 137 -6.48 5.20 1.50
CA GLY A 137 -6.20 5.63 2.84
C GLY A 137 -4.83 5.30 3.38
N ASN A 138 -4.08 4.42 2.71
CA ASN A 138 -2.75 4.06 3.18
C ASN A 138 -1.83 3.68 2.02
N VAL A 139 -1.64 4.60 1.07
CA VAL A 139 -0.70 4.37 -0.03
C VAL A 139 0.72 4.53 0.47
N CYS A 140 1.52 3.49 0.32
CA CYS A 140 2.92 3.52 0.73
C CYS A 140 3.64 2.38 0.03
N ALA A 141 4.97 2.45 0.04
CA ALA A 141 5.76 1.42 -0.63
C ALA A 141 5.53 0.04 -0.02
N LYS A 142 5.37 -0.04 1.32
CA LYS A 142 5.11 -1.33 1.95
C LYS A 142 3.81 -1.94 1.45
N ASN A 143 2.87 -1.11 1.02
CA ASN A 143 1.59 -1.58 0.52
C ASN A 143 1.59 -1.79 -1.00
N ILE A 144 2.74 -1.73 -1.65
CA ILE A 144 2.86 -2.07 -3.07
C ILE A 144 3.62 -3.40 -3.20
N LEU A 145 2.98 -4.37 -3.85
CA LEU A 145 3.53 -5.71 -4.02
C LEU A 145 4.08 -5.89 -5.43
N LEU A 146 5.26 -6.49 -5.53
CA LEU A 146 5.88 -6.71 -6.82
C LEU A 146 5.49 -8.11 -7.31
N ILE A 147 4.61 -8.16 -8.30
CA ILE A 147 4.14 -9.41 -8.90
C ILE A 147 5.25 -10.04 -9.74
N ARG A 148 5.96 -9.22 -10.51
CA ARG A 148 6.88 -9.70 -11.53
C ARG A 148 8.06 -8.76 -11.60
N GLU A 149 9.26 -9.32 -11.60
CA GLU A 149 10.45 -8.50 -11.79
C GLU A 149 10.57 -8.09 -13.25
N GLU A 150 11.28 -6.99 -13.47
CA GLU A 150 11.64 -6.59 -14.82
C GLU A 150 12.59 -7.63 -15.42
N ASP A 151 12.33 -8.02 -16.65
CA ASP A 151 13.19 -8.93 -17.41
C ASP A 151 13.59 -8.21 -18.68
N ARG A 152 14.71 -7.48 -18.62
CA ARG A 152 15.19 -6.76 -19.79
C ARG A 152 15.28 -7.67 -21.02
N LYS A 153 15.70 -8.93 -20.82
CA LYS A 153 15.92 -9.84 -21.93
C LYS A 153 14.63 -10.22 -22.66
N THR A 154 13.48 -10.02 -22.03
CA THR A 154 12.19 -10.29 -22.68
C THR A 154 11.37 -9.03 -22.88
N GLY A 155 11.94 -7.85 -22.65
CA GLY A 155 11.19 -6.61 -22.71
C GLY A 155 10.15 -6.43 -21.62
N ASN A 156 10.02 -7.39 -20.71
CA ASN A 156 8.95 -7.34 -19.72
C ASN A 156 9.24 -6.27 -18.67
N PRO A 157 8.31 -5.35 -18.41
CA PRO A 157 8.50 -4.41 -17.31
C PRO A 157 8.14 -5.07 -15.99
N PRO A 158 8.52 -4.48 -14.86
CA PRO A 158 7.98 -4.94 -13.58
C PRO A 158 6.47 -4.79 -13.59
N PHE A 159 5.81 -5.54 -12.71
CA PHE A 159 4.36 -5.44 -12.56
C PHE A 159 4.04 -5.40 -11.08
N ILE A 160 3.27 -4.41 -10.66
CA ILE A 160 2.96 -4.22 -9.25
C ILE A 160 1.46 -4.28 -9.03
N LYS A 161 1.08 -4.52 -7.77
CA LYS A 161 -0.30 -4.39 -7.33
C LYS A 161 -0.32 -3.62 -6.02
N LEU A 162 -1.39 -2.86 -5.81
CA LEU A 162 -1.65 -2.17 -4.55
C LEU A 162 -2.36 -3.11 -3.59
N SER A 163 -1.88 -3.16 -2.36
CA SER A 163 -2.44 -4.04 -1.34
C SER A 163 -3.55 -3.31 -0.59
N ASP A 164 -4.22 -4.01 0.31
CA ASP A 164 -5.31 -3.41 1.07
C ASP A 164 -4.76 -2.42 2.09
N PRO A 165 -5.56 -1.44 2.53
CA PRO A 165 -5.00 -0.36 3.35
C PRO A 165 -4.76 -0.73 4.81
N GLY A 166 -5.28 -1.87 5.29
CA GLY A 166 -5.25 -2.13 6.72
C GLY A 166 -6.28 -1.29 7.47
N ILE A 167 -6.19 -1.34 8.80
CA ILE A 167 -7.08 -0.56 9.64
C ILE A 167 -7.00 0.92 9.26
N SER A 168 -8.16 1.56 9.12
CA SER A 168 -8.25 2.94 8.66
C SER A 168 -7.62 3.91 9.64
N ILE A 169 -7.01 4.97 9.10
CA ILE A 169 -6.48 6.01 9.97
C ILE A 169 -7.59 6.74 10.72
N THR A 170 -8.85 6.57 10.29
CA THR A 170 -9.95 7.21 11.01
C THR A 170 -10.24 6.56 12.36
N VAL A 171 -9.66 5.40 12.67
CA VAL A 171 -9.86 4.76 13.96
C VAL A 171 -8.57 4.46 14.70
N LEU A 172 -7.41 4.75 14.11
CA LEU A 172 -6.15 4.38 14.73
C LEU A 172 -5.78 5.36 15.83
N PRO A 173 -4.97 4.92 16.80
CA PRO A 173 -4.48 5.85 17.83
C PRO A 173 -3.76 7.04 17.23
N LYS A 174 -3.82 8.15 17.95
CA LYS A 174 -3.19 9.40 17.49
C LYS A 174 -1.69 9.24 17.30
N ASP A 175 -1.03 8.48 18.18
CA ASP A 175 0.42 8.35 18.06
C ASP A 175 0.82 7.52 16.84
N ILE A 176 0.01 6.54 16.45
CA ILE A 176 0.34 5.80 15.24
C ILE A 176 0.23 6.70 14.01
N LEU A 177 -0.84 7.50 13.94
CA LEU A 177 -0.97 8.48 12.86
C LEU A 177 0.23 9.41 12.78
N GLN A 178 0.73 9.87 13.94
CA GLN A 178 1.86 10.78 13.90
C GLN A 178 3.13 10.09 13.43
N GLU A 179 3.29 8.80 13.75
CA GLU A 179 4.44 8.06 13.24
C GLU A 179 4.35 7.81 11.74
N ARG A 180 3.17 7.96 11.15
CA ARG A 180 2.96 7.76 9.72
C ARG A 180 3.07 9.04 8.92
N ILE A 181 3.39 10.16 9.57
CA ILE A 181 3.89 11.31 8.82
C ILE A 181 5.19 10.90 8.16
N PRO A 182 5.41 11.20 6.86
CA PRO A 182 4.62 12.07 5.99
C PRO A 182 3.74 11.33 4.97
N TRP A 183 3.32 10.08 5.28
CA TRP A 183 2.33 9.42 4.43
C TRP A 183 0.93 9.93 4.71
N VAL A 184 0.64 10.17 5.99
CA VAL A 184 -0.66 10.71 6.37
C VAL A 184 -0.66 12.21 6.11
N PRO A 185 -1.66 12.74 5.41
CA PRO A 185 -1.65 14.15 5.01
C PRO A 185 -1.77 15.07 6.22
N PRO A 186 -1.31 16.33 6.11
CA PRO A 186 -1.47 17.25 7.23
C PRO A 186 -2.90 17.48 7.65
N GLU A 187 -3.84 17.49 6.70
CA GLU A 187 -5.23 17.68 7.10
C GLU A 187 -5.77 16.49 7.88
N CYS A 188 -5.19 15.30 7.71
CA CYS A 188 -5.63 14.15 8.50
C CYS A 188 -4.95 14.06 9.86
N ILE A 189 -3.76 14.64 9.99
CA ILE A 189 -3.17 14.83 11.31
C ILE A 189 -3.97 15.85 12.10
N GLU A 190 -4.40 16.92 11.43
CA GLU A 190 -5.29 17.88 12.08
C GLU A 190 -6.62 17.24 12.47
N ASN A 191 -7.20 16.41 11.59
CA ASN A 191 -8.50 15.79 11.84
C ASN A 191 -8.60 14.52 11.00
N PRO A 192 -8.41 13.35 11.61
CA PRO A 192 -8.46 12.10 10.83
C PRO A 192 -9.73 11.93 10.02
N LYS A 193 -10.85 12.52 10.46
CA LYS A 193 -12.09 12.46 9.69
C LYS A 193 -12.05 13.29 8.41
N ASN A 194 -10.94 13.95 8.12
CA ASN A 194 -10.74 14.61 6.84
C ASN A 194 -10.33 13.64 5.75
N LEU A 195 -10.29 12.35 6.02
CA LEU A 195 -9.92 11.35 5.03
C LEU A 195 -10.77 11.52 3.77
N ASN A 196 -10.11 11.63 2.63
CA ASN A 196 -10.73 12.12 1.41
C ASN A 196 -9.97 11.55 0.23
N LEU A 197 -10.56 11.64 -0.96
CA LEU A 197 -9.81 11.25 -2.15
C LEU A 197 -8.50 12.02 -2.24
N ALA A 198 -8.51 13.30 -1.85
CA ALA A 198 -7.29 14.10 -1.86
C ALA A 198 -6.23 13.52 -0.94
N THR A 199 -6.61 12.78 0.10
CA THR A 199 -5.64 12.11 0.96
C THR A 199 -4.66 11.27 0.14
N ASP A 200 -5.21 10.42 -0.74
CA ASP A 200 -4.38 9.48 -1.50
C ASP A 200 -3.44 10.21 -2.45
N LYS A 201 -3.83 11.37 -2.96
CA LYS A 201 -2.89 12.15 -3.77
C LYS A 201 -1.64 12.50 -2.96
N TRP A 202 -1.81 12.99 -1.73
CA TRP A 202 -0.65 13.28 -0.91
C TRP A 202 0.21 12.04 -0.69
N SER A 203 -0.42 10.92 -0.26
CA SER A 203 0.34 9.73 0.04
C SER A 203 1.02 9.17 -1.21
N PHE A 204 0.38 9.33 -2.35
CA PHE A 204 1.01 8.92 -3.59
C PHE A 204 2.31 9.70 -3.81
N GLY A 205 2.30 11.00 -3.49
CA GLY A 205 3.54 11.76 -3.54
C GLY A 205 4.60 11.15 -2.63
N THR A 206 4.24 10.88 -1.38
CA THR A 206 5.20 10.28 -0.46
C THR A 206 5.69 8.96 -0.99
N THR A 207 4.79 8.18 -1.60
CA THR A 207 5.17 6.86 -2.09
C THR A 207 6.14 6.97 -3.26
N LEU A 208 5.93 7.93 -4.16
CA LEU A 208 6.91 8.19 -5.21
C LEU A 208 8.28 8.52 -4.63
N TRP A 209 8.30 9.29 -3.54
CA TRP A 209 9.57 9.62 -2.90
C TRP A 209 10.27 8.36 -2.43
N GLU A 210 9.53 7.43 -1.82
CA GLU A 210 10.10 6.15 -1.44
C GLU A 210 10.71 5.44 -2.64
N ILE A 211 9.94 5.40 -3.73
CA ILE A 211 10.35 4.67 -4.93
C ILE A 211 11.64 5.24 -5.49
N CYS A 212 11.82 6.56 -5.40
CA CYS A 212 13.02 7.21 -5.91
C CYS A 212 14.16 7.21 -4.91
N SER A 213 13.95 6.71 -3.69
CA SER A 213 14.94 6.84 -2.62
C SER A 213 15.47 5.51 -2.13
N GLY A 214 15.37 4.47 -2.95
CA GLY A 214 16.01 3.19 -2.65
C GLY A 214 15.60 2.55 -1.34
N GLY A 215 14.36 2.78 -0.90
CA GLY A 215 13.89 2.18 0.33
C GLY A 215 14.04 3.03 1.57
N ASP A 216 14.67 4.20 1.48
CA ASP A 216 14.68 5.13 2.60
C ASP A 216 13.26 5.54 2.97
N LYS A 217 13.04 5.77 4.26
CA LYS A 217 11.76 6.27 4.74
C LYS A 217 11.87 7.77 4.96
N PRO A 218 11.04 8.59 4.33
CA PRO A 218 11.17 10.05 4.49
C PRO A 218 10.95 10.45 5.94
N LEU A 219 11.78 11.38 6.41
CA LEU A 219 11.68 11.89 7.77
C LEU A 219 11.92 10.82 8.85
N SER A 220 12.51 9.67 8.51
CA SER A 220 12.71 8.62 9.52
C SER A 220 13.55 9.12 10.69
N ALA A 221 14.41 10.10 10.46
CA ALA A 221 15.25 10.64 11.52
C ALA A 221 14.49 11.53 12.49
N LEU A 222 13.29 12.00 12.10
CA LEU A 222 12.46 12.81 12.97
C LEU A 222 11.57 11.94 13.86
N ASP A 223 11.59 12.20 15.17
CA ASP A 223 10.62 11.62 16.08
C ASP A 223 9.25 12.27 15.84
N SER A 224 8.23 11.71 16.50
CA SER A 224 6.85 12.11 16.23
C SER A 224 6.64 13.61 16.46
N GLN A 225 7.26 14.18 17.51
CA GLN A 225 7.08 15.60 17.77
C GLN A 225 7.65 16.43 16.63
N ARG A 226 8.84 16.07 16.15
CA ARG A 226 9.45 16.84 15.08
C ARG A 226 8.70 16.66 13.77
N LYS A 227 8.07 15.50 13.57
CA LYS A 227 7.29 15.29 12.37
C LYS A 227 6.07 16.20 12.34
N LEU A 228 5.37 16.31 13.47
CA LEU A 228 4.30 17.29 13.61
C LEU A 228 4.76 18.70 13.27
N GLN A 229 5.94 19.08 13.77
CA GLN A 229 6.43 20.44 13.52
C GLN A 229 6.83 20.62 12.06
N PHE A 230 7.31 19.55 11.41
CA PHE A 230 7.51 19.56 9.97
C PHE A 230 6.23 20.00 9.24
N TYR A 231 5.09 19.42 9.61
CA TYR A 231 3.84 19.87 9.02
C TYR A 231 3.48 21.30 9.43
N GLU A 232 3.73 21.66 10.69
CA GLU A 232 3.35 23.01 11.14
C GLU A 232 4.15 24.07 10.40
N ASP A 233 5.42 23.81 10.12
CA ASP A 233 6.24 24.74 9.36
C ASP A 233 6.08 24.57 7.84
N ARG A 234 5.18 23.70 7.39
CA ARG A 234 4.85 23.55 5.96
C ARG A 234 6.10 23.24 5.12
N HIS A 235 6.91 22.32 5.61
CA HIS A 235 8.04 21.85 4.84
C HIS A 235 7.59 20.82 3.80
N GLN A 236 8.39 20.69 2.75
CA GLN A 236 8.30 19.64 1.77
C GLN A 236 9.48 18.69 1.94
N LEU A 237 9.36 17.50 1.36
CA LEU A 237 10.44 16.54 1.44
C LEU A 237 11.61 16.99 0.57
N PRO A 238 12.84 16.60 0.93
CA PRO A 238 13.96 16.87 0.03
C PRO A 238 13.80 16.13 -1.29
N ALA A 239 14.29 16.74 -2.35
CA ALA A 239 14.33 16.04 -3.61
C ALA A 239 15.17 14.79 -3.47
N PRO A 240 14.72 13.65 -3.95
CA PRO A 240 15.59 12.47 -4.00
C PRO A 240 16.82 12.75 -4.87
N LYS A 241 17.92 12.05 -4.57
CA LYS A 241 19.15 12.22 -5.35
C LYS A 241 18.86 12.09 -6.83
N ALA A 242 18.15 11.04 -7.21
CA ALA A 242 17.59 10.86 -8.55
C ALA A 242 16.30 11.67 -8.60
N ALA A 243 16.41 12.93 -9.01
CA ALA A 243 15.37 13.92 -8.78
C ALA A 243 14.32 13.96 -9.87
N GLU A 244 14.34 13.03 -10.83
CA GLU A 244 13.48 13.13 -12.01
C GLU A 244 12.01 13.32 -11.65
N LEU A 245 11.57 12.76 -10.52
CA LEU A 245 10.17 12.84 -10.11
C LEU A 245 9.94 13.88 -9.01
N ALA A 246 10.94 14.70 -8.69
CA ALA A 246 10.83 15.57 -7.52
C ALA A 246 9.67 16.56 -7.66
N ASN A 247 9.49 17.14 -8.86
CA ASN A 247 8.42 18.13 -9.01
C ASN A 247 7.04 17.49 -8.85
N LEU A 248 6.84 16.30 -9.41
CA LEU A 248 5.57 15.60 -9.24
C LEU A 248 5.33 15.29 -7.77
N ILE A 249 6.38 14.82 -7.07
CA ILE A 249 6.27 14.53 -5.64
C ILE A 249 5.74 15.75 -4.90
N ASN A 250 6.40 16.90 -5.09
CA ASN A 250 5.96 18.09 -4.37
C ASN A 250 4.60 18.57 -4.83
N ASN A 251 4.28 18.40 -6.13
CA ASN A 251 2.96 18.78 -6.61
C ASN A 251 1.87 17.96 -5.95
N CYS A 252 2.15 16.67 -5.70
CA CYS A 252 1.17 15.81 -5.05
C CYS A 252 1.07 16.13 -3.58
N MET A 253 2.21 16.38 -2.93
CA MET A 253 2.24 16.71 -1.52
C MET A 253 2.00 18.21 -1.36
N ASP A 254 0.80 18.63 -1.73
CA ASP A 254 0.41 20.04 -1.65
C ASP A 254 -0.39 20.23 -0.39
N TYR A 255 0.01 21.21 0.45
CA TYR A 255 -0.70 21.40 1.70
C TYR A 255 -2.13 21.85 1.49
N GLU A 256 -2.47 22.37 0.30
CA GLU A 256 -3.88 22.60 -0.04
C GLU A 256 -4.45 21.35 -0.71
N PRO A 257 -5.30 20.57 -0.01
CA PRO A 257 -5.84 19.35 -0.64
C PRO A 257 -6.56 19.60 -1.97
N ASP A 258 -7.30 20.70 -2.07
CA ASP A 258 -8.03 21.00 -3.30
C ASP A 258 -7.11 21.27 -4.47
N HIS A 259 -5.84 21.55 -4.23
CA HIS A 259 -4.93 21.88 -5.31
C HIS A 259 -4.14 20.67 -5.78
N ARG A 260 -4.29 19.51 -5.12
CA ARG A 260 -3.54 18.34 -5.53
C ARG A 260 -4.09 17.82 -6.86
N PRO A 261 -3.23 17.44 -7.79
CA PRO A 261 -3.71 17.10 -9.13
C PRO A 261 -4.45 15.76 -9.15
N SER A 262 -5.45 15.70 -10.04
CA SER A 262 -6.13 14.43 -10.30
C SER A 262 -5.11 13.44 -10.83
N PHE A 263 -5.44 12.16 -10.69
CA PHE A 263 -4.50 11.14 -11.15
C PHE A 263 -4.42 11.08 -12.67
N ARG A 264 -5.41 11.62 -13.37
CA ARG A 264 -5.31 11.72 -14.82
C ARG A 264 -4.21 12.70 -15.23
N ALA A 265 -4.18 13.87 -14.58
CA ALA A 265 -3.09 14.81 -14.81
C ALA A 265 -1.75 14.24 -14.36
N ILE A 266 -1.74 13.52 -13.24
CA ILE A 266 -0.52 12.84 -12.80
C ILE A 266 -0.04 11.87 -13.86
N ILE A 267 -0.95 11.08 -14.43
CA ILE A 267 -0.56 10.15 -15.48
C ILE A 267 -0.06 10.91 -16.69
N ARG A 268 -0.71 12.03 -17.04
CA ARG A 268 -0.25 12.83 -18.16
C ARG A 268 1.16 13.37 -17.93
N ASP A 269 1.48 13.80 -16.70
CA ASP A 269 2.84 14.24 -16.43
C ASP A 269 3.83 13.08 -16.43
N LEU A 270 3.43 11.91 -15.93
CA LEU A 270 4.34 10.78 -15.96
C LEU A 270 4.70 10.41 -17.39
N ASN A 271 3.72 10.46 -18.29
CA ASN A 271 3.92 10.05 -19.67
C ASN A 271 4.80 11.01 -20.46
N SER A 272 5.05 12.21 -19.93
CA SER A 272 5.91 13.16 -20.62
C SER A 272 7.38 13.00 -20.24
N LEU A 273 7.71 12.23 -19.21
CA LEU A 273 9.10 11.97 -18.85
C LEU A 273 9.65 10.75 -19.57
#